data_3F68
#
_entry.id   3F68
#
_cell.length_a   70.280
_cell.length_b   71.950
_cell.length_c   72.500
_cell.angle_alpha   90.00
_cell.angle_beta   100.05
_cell.angle_gamma   90.00
#
_symmetry.space_group_name_H-M   'C 1 2 1'
#
loop_
_entity.id
_entity.type
_entity.pdbx_description
1 polymer Prothrombin
2 polymer Prothrombin
3 polymer 'Hirudin variant-2'
4 non-polymer N-acetyl-3-cyclohexyl-D-alanyl-N-(3-chlorobenzyl)-L-prolinamide
5 non-polymer 'SODIUM ION'
6 water water
#
loop_
_entity_poly.entity_id
_entity_poly.type
_entity_poly.pdbx_seq_one_letter_code
_entity_poly.pdbx_strand_id
1 'polypeptide(L)' TFGSGEADCGLRPLFEKKSLEDKTERELLESYIDGR L
2 'polypeptide(L)'
;IVEGSDAEIGMSPWQVMLFRKSPQELLCGASLISDRWVLTAAHCLLYPPWDKNFTENDLLVRIGKHSRTRYERNIEKISM
LEKIYIHPRYNWRENLDRDIALMKLKKPVAFSDYIHPVCLPDRETAASLLQAGYKGRVTGWGNLKETWTANVGKGQPSVL
QVVNLPIVERPVCKDSTRIRITDNMFCAGYKPDEGKRGDACEGDSGGPFVMKSPFNNRWYQMGIVSWGEGCDRDGKYGFY
THVFRLKKWIQKVIDQFGE
;
H
3 'polypeptide(L)' GDFEEIPEE(TYS)L I
#
loop_
_chem_comp.id
_chem_comp.type
_chem_comp.name
_chem_comp.formula
91U peptide-like N-acetyl-3-cyclohexyl-D-alanyl-N-(3-chlorobenzyl)-L-prolinamide 'C23 H32 Cl N3 O3'
NA non-polymer 'SODIUM ION' 'Na 1'
#
# COMPACT_ATOMS: atom_id res chain seq x y z
N ALA A 7 17.52 -3.53 -4.88
CA ALA A 7 18.95 -3.28 -4.97
C ALA A 7 19.41 -2.50 -3.73
N ASP A 8 18.97 -1.26 -3.71
CA ASP A 8 19.04 -0.40 -2.55
C ASP A 8 17.68 -0.39 -1.85
N CYS A 9 16.79 -1.24 -2.36
CA CYS A 9 15.40 -1.19 -1.95
C CYS A 9 15.21 -1.49 -0.47
N GLY A 10 14.17 -0.93 0.15
CA GLY A 10 13.73 -1.39 1.44
C GLY A 10 14.58 -0.86 2.57
N LEU A 11 15.54 -0.01 2.26
CA LEU A 11 16.45 0.52 3.28
C LEU A 11 16.19 2.02 3.43
N ARG A 12 15.59 2.44 4.54
CA ARG A 12 15.17 3.86 4.55
C ARG A 12 16.33 4.75 4.95
N PRO A 13 16.53 5.81 4.18
CA PRO A 13 17.52 6.84 4.51
C PRO A 13 17.45 7.32 5.94
N LEU A 14 16.26 7.47 6.55
CA LEU A 14 16.25 8.14 7.87
C LEU A 14 16.20 7.11 8.98
N PHE A 15 16.23 5.82 8.59
CA PHE A 15 16.16 4.77 9.61
C PHE A 15 17.25 3.74 9.35
N GLU A 16 17.02 2.68 8.58
CA GLU A 16 18.09 1.68 8.40
C GLU A 16 19.43 2.26 7.96
N LYS A 17 19.41 3.23 7.04
CA LYS A 17 20.72 3.71 6.55
C LYS A 17 21.49 4.47 7.63
N LYS A 18 20.85 4.91 8.69
CA LYS A 18 21.41 5.63 9.83
C LYS A 18 21.52 4.75 11.07
N SER A 19 21.09 3.49 10.95
CA SER A 19 20.96 2.62 12.11
C SER A 19 20.04 3.19 13.17
N LEU A 20 18.96 3.85 12.75
CA LEU A 20 17.96 4.26 13.74
C LEU A 20 16.72 3.41 13.61
N GLU A 21 15.99 3.12 14.68
CA GLU A 21 14.80 2.27 14.54
C GLU A 21 13.55 3.13 14.69
N ASP A 22 12.49 2.84 13.92
CA ASP A 22 11.29 3.64 14.20
C ASP A 22 10.65 3.11 15.50
N LYS A 23 9.66 3.87 16.00
CA LYS A 23 9.04 3.58 17.27
C LYS A 23 8.28 2.27 17.34
N THR A 24 7.87 1.58 16.26
CA THR A 24 7.07 0.39 16.56
C THR A 24 7.56 -0.80 15.75
N GLU A 25 8.71 -0.68 15.08
CA GLU A 25 9.11 -1.79 14.19
C GLU A 25 9.46 -3.03 14.99
N ARG A 26 9.87 -2.84 16.24
CA ARG A 26 10.21 -3.99 17.07
C ARG A 26 8.98 -4.87 17.27
N GLU A 27 7.79 -4.26 17.28
CA GLU A 27 6.55 -5.06 17.36
C GLU A 27 6.47 -6.10 16.24
N LEU A 28 6.91 -5.73 15.04
CA LEU A 28 6.94 -6.67 13.91
C LEU A 28 7.93 -7.79 14.14
N LEU A 29 9.18 -7.45 14.41
CA LEU A 29 10.23 -8.39 14.77
C LEU A 29 9.76 -9.39 15.82
N GLU A 30 9.16 -8.84 16.89
CA GLU A 30 8.84 -9.73 17.99
C GLU A 30 7.74 -10.71 17.62
N SER A 31 7.02 -10.45 16.53
CA SER A 31 5.98 -11.37 16.05
C SER A 31 6.54 -12.44 15.14
N TYR A 32 7.78 -12.29 14.68
CA TYR A 32 8.36 -13.25 13.73
C TYR A 32 8.98 -14.42 14.46
N ILE A 33 8.09 -15.26 14.96
CA ILE A 33 8.20 -16.30 15.95
C ILE A 33 8.25 -17.70 15.34
N ILE B 1 -6.93 5.03 7.73
CA ILE B 1 -6.52 4.05 8.75
C ILE B 1 -7.28 4.29 10.06
N VAL B 2 -7.87 3.24 10.61
CA VAL B 2 -8.59 3.26 11.87
C VAL B 2 -7.71 2.80 13.02
N GLU B 3 -7.56 3.65 14.03
CA GLU B 3 -6.89 3.23 15.26
C GLU B 3 -5.39 3.06 15.04
N GLY B 4 -4.87 3.83 14.09
CA GLY B 4 -3.45 3.88 13.82
C GLY B 4 -2.82 5.07 14.52
N SER B 5 -1.64 5.50 14.07
CA SER B 5 -0.98 6.66 14.69
C SER B 5 -0.30 7.45 13.58
N ASP B 6 0.12 8.67 13.89
CA ASP B 6 0.88 9.54 13.03
C ASP B 6 2.17 8.86 12.60
N ALA B 7 2.39 8.76 11.30
CA ALA B 7 3.70 8.27 10.86
C ALA B 7 4.82 9.17 11.37
N GLU B 8 6.02 8.63 11.60
CA GLU B 8 7.22 9.45 11.77
C GLU B 8 7.68 9.93 10.39
N ILE B 9 8.37 11.04 10.26
CA ILE B 9 8.97 11.52 9.03
C ILE B 9 9.90 10.48 8.42
N GLY B 10 9.76 10.19 7.13
CA GLY B 10 10.60 9.22 6.45
C GLY B 10 10.36 7.77 6.83
N MET B 11 9.29 7.48 7.58
CA MET B 11 9.05 6.10 8.03
C MET B 11 8.53 5.16 6.95
N SER B 12 7.96 5.74 5.91
CA SER B 12 7.39 5.05 4.76
C SER B 12 7.71 5.71 3.44
N PRO B 13 8.99 5.83 3.04
CA PRO B 13 9.38 6.69 1.93
C PRO B 13 8.98 6.13 0.57
N TRP B 14 8.38 4.95 0.53
CA TRP B 14 7.82 4.34 -0.66
C TRP B 14 6.33 4.67 -0.77
N GLN B 15 5.75 5.40 0.19
CA GLN B 15 4.29 5.61 0.13
C GLN B 15 3.96 6.52 -1.05
N VAL B 16 2.97 6.17 -1.87
CA VAL B 16 2.58 7.08 -2.98
C VAL B 16 1.16 7.54 -2.75
N MET B 17 0.78 8.77 -3.04
CA MET B 17 -0.63 9.21 -3.03
C MET B 17 -1.14 9.33 -4.48
N LEU B 18 -2.22 8.65 -4.81
CA LEU B 18 -2.94 8.76 -6.08
C LEU B 18 -3.93 9.92 -5.94
N PHE B 19 -3.67 10.96 -6.70
CA PHE B 19 -4.38 12.22 -6.53
C PHE B 19 -5.18 12.56 -7.78
N ARG B 20 -6.44 12.91 -7.60
CA ARG B 20 -7.27 13.30 -8.76
C ARG B 20 -6.95 14.73 -9.21
N LYS B 21 -6.76 14.95 -10.50
CA LYS B 21 -6.38 16.24 -11.09
C LYS B 21 -7.46 17.31 -10.88
N SER B 22 -8.65 17.03 -11.42
CA SER B 22 -9.80 17.90 -11.23
C SER B 22 -11.07 17.05 -11.08
N PRO B 23 -11.78 17.20 -9.97
CA PRO B 23 -11.38 18.09 -8.87
C PRO B 23 -10.29 17.41 -8.02
N GLN B 24 -9.29 18.20 -7.68
CA GLN B 24 -8.07 17.80 -6.98
C GLN B 24 -8.41 17.09 -5.69
N GLU B 25 -8.05 15.80 -5.58
CA GLU B 25 -8.41 15.11 -4.35
C GLU B 25 -7.68 13.77 -4.23
N LEU B 26 -7.58 13.24 -3.02
CA LEU B 26 -6.98 11.93 -2.77
C LEU B 26 -7.82 10.85 -3.43
N LEU B 27 -7.20 9.99 -4.24
CA LEU B 27 -7.96 8.90 -4.84
C LEU B 27 -7.69 7.60 -4.12
N CYS B 28 -6.42 7.35 -3.82
CA CYS B 28 -6.06 6.01 -3.34
C CYS B 28 -4.61 6.11 -2.88
N GLY B 29 -4.12 5.03 -2.29
CA GLY B 29 -2.70 4.93 -1.94
C GLY B 29 -2.02 4.14 -3.05
N ALA B 30 -0.72 3.95 -2.91
CA ALA B 30 0.07 3.21 -3.86
C ALA B 30 1.51 3.12 -3.32
N SER B 31 2.45 2.52 -4.01
CA SER B 31 3.82 2.41 -3.53
C SER B 31 4.87 2.51 -4.63
N LEU B 32 6.05 3.00 -4.26
CA LEU B 32 7.12 3.20 -5.24
C LEU B 32 7.98 1.94 -5.30
N ILE B 33 8.13 1.31 -6.46
CA ILE B 33 8.95 0.09 -6.44
C ILE B 33 10.24 0.23 -7.27
N SER B 34 10.42 1.34 -7.97
CA SER B 34 11.71 1.68 -8.59
C SER B 34 11.62 3.16 -8.92
N ASP B 35 12.52 3.73 -9.72
CA ASP B 35 12.40 5.18 -9.93
C ASP B 35 11.34 5.53 -10.96
N ARG B 36 10.82 4.53 -11.69
CA ARG B 36 9.75 4.84 -12.64
C ARG B 36 8.51 3.98 -12.51
N TRP B 37 8.34 3.20 -11.43
CA TRP B 37 7.20 2.28 -11.40
C TRP B 37 6.50 2.34 -10.04
N VAL B 38 5.19 2.48 -10.15
CA VAL B 38 4.34 2.63 -8.97
C VAL B 38 3.35 1.46 -8.92
N LEU B 39 3.14 0.87 -7.75
CA LEU B 39 2.28 -0.29 -7.60
C LEU B 39 0.99 0.14 -6.91
N THR B 40 -0.16 -0.36 -7.35
CA THR B 40 -1.42 0.01 -6.69
C THR B 40 -2.48 -1.09 -6.87
N ALA B 41 -3.69 -0.86 -6.40
CA ALA B 41 -4.81 -1.77 -6.61
C ALA B 41 -5.55 -1.52 -7.93
N ALA B 42 -5.94 -2.58 -8.64
CA ALA B 42 -6.66 -2.36 -9.91
C ALA B 42 -7.93 -1.57 -9.68
N HIS B 43 -8.61 -1.84 -8.56
CA HIS B 43 -9.92 -1.19 -8.38
C HIS B 43 -9.80 0.32 -8.18
N CYS B 44 -8.61 0.84 -7.88
CA CYS B 44 -8.44 2.29 -7.73
C CYS B 44 -8.58 3.01 -9.06
N LEU B 45 -8.30 2.31 -10.14
CA LEU B 45 -8.37 2.81 -11.50
C LEU B 45 -9.62 2.30 -12.24
N LEU B 46 -9.98 1.02 -12.09
CA LEU B 46 -11.09 0.44 -12.84
C LEU B 46 -12.09 -0.27 -11.94
N TYR B 47 -13.28 0.28 -11.80
CA TYR B 47 -14.35 -0.37 -11.05
C TYR B 47 -15.74 -0.02 -11.56
N PRO B 48 -16.14 -0.65 -12.65
CA PRO B 48 -17.43 -0.36 -13.33
C PRO B 48 -18.64 -0.26 -12.44
N PRO B 49 -18.86 -1.04 -11.39
CA PRO B 49 -20.04 -0.79 -10.56
C PRO B 49 -20.08 0.61 -9.94
N TRP B 50 -19.03 1.41 -9.98
CA TRP B 50 -19.08 2.77 -9.45
C TRP B 50 -18.82 3.77 -10.57
N ASP B 51 -18.90 3.24 -11.78
CA ASP B 51 -18.54 4.01 -12.96
C ASP B 51 -17.16 4.64 -12.72
N LYS B 52 -16.26 3.74 -12.32
CA LYS B 52 -14.88 4.19 -12.13
C LYS B 52 -14.02 3.56 -13.22
N ASN B 53 -13.45 4.41 -14.06
CA ASN B 53 -12.48 4.10 -15.08
C ASN B 53 -11.59 5.31 -15.27
N PHE B 54 -10.38 5.33 -14.68
CA PHE B 54 -9.51 6.47 -14.93
C PHE B 54 -8.51 6.20 -16.04
N THR B 55 -8.13 7.27 -16.73
CA THR B 55 -7.05 7.20 -17.71
C THR B 55 -5.86 7.99 -17.15
N GLU B 56 -4.70 7.71 -17.67
CA GLU B 56 -3.44 8.40 -17.42
C GLU B 56 -3.66 9.86 -17.11
N ASN B 57 -4.36 10.53 -18.04
CA ASN B 57 -4.40 11.99 -17.89
C ASN B 57 -5.35 12.41 -16.78
N ASP B 58 -6.14 11.47 -16.23
CA ASP B 58 -6.95 11.97 -15.12
C ASP B 58 -6.11 12.13 -13.86
N LEU B 59 -4.88 11.63 -13.92
CA LEU B 59 -4.14 11.42 -12.69
C LEU B 59 -2.76 12.05 -12.60
N LEU B 60 -2.32 12.19 -11.35
CA LEU B 60 -0.98 12.46 -10.87
C LEU B 60 -0.63 11.57 -9.65
N VAL B 61 0.66 11.28 -9.55
CA VAL B 61 1.34 10.64 -8.44
C VAL B 61 2.09 11.67 -7.57
N ARG B 62 1.83 11.74 -6.28
CA ARG B 62 2.55 12.51 -5.27
C ARG B 62 3.34 11.61 -4.31
N ILE B 63 4.66 11.76 -4.37
CA ILE B 63 5.61 10.93 -3.63
C ILE B 63 6.37 11.75 -2.60
N GLY B 64 6.83 11.15 -1.50
CA GLY B 64 7.55 11.86 -0.46
C GLY B 64 6.62 12.54 0.50
N LYS B 65 5.31 12.23 0.45
CA LYS B 65 4.42 13.08 1.23
C LYS B 65 4.26 12.62 2.66
N HIS B 66 3.78 13.56 3.48
CA HIS B 66 3.46 13.28 4.87
C HIS B 66 2.13 13.91 5.27
N SER B 67 1.98 15.20 4.93
CA SER B 67 0.71 15.88 5.12
C SER B 67 -0.28 15.44 4.04
N ARG B 68 -1.55 15.29 4.44
CA ARG B 68 -2.55 14.86 3.46
C ARG B 68 -2.87 16.00 2.51
N THR B 69 -3.18 17.17 3.06
CA THR B 69 -3.73 18.25 2.21
C THR B 69 -2.69 19.19 1.63
N ARG B 70 -1.64 19.44 2.38
CA ARG B 70 -0.67 20.47 2.05
C ARG B 70 0.18 20.12 0.85
N TYR B 71 0.66 21.12 0.12
CA TYR B 71 1.64 20.84 -0.95
C TYR B 71 3.04 21.05 -0.37
N GLU B 72 3.80 19.98 -0.22
CA GLU B 72 5.05 19.99 0.56
C GLU B 72 6.25 20.35 -0.29
N ARG B 73 6.28 21.68 -0.53
CA ARG B 73 7.35 22.31 -1.27
C ARG B 73 8.72 21.84 -0.78
N ASN B 74 9.60 21.54 -1.71
CA ASN B 74 10.97 21.13 -1.44
C ASN B 74 11.04 19.73 -0.86
N ILE B 75 9.90 19.09 -0.62
CA ILE B 75 9.88 17.73 -0.08
C ILE B 75 9.17 16.79 -1.03
N GLU B 76 7.87 17.01 -1.27
CA GLU B 76 7.20 16.06 -2.18
C GLU B 76 7.64 16.28 -3.63
N LYS B 77 7.46 15.24 -4.42
CA LYS B 77 7.55 15.27 -5.86
C LYS B 77 6.23 14.78 -6.48
N ILE B 78 5.79 15.40 -7.56
CA ILE B 78 4.57 15.07 -8.30
C ILE B 78 4.89 14.58 -9.70
N SER B 79 4.26 13.48 -10.12
CA SER B 79 4.64 12.80 -11.35
C SER B 79 3.40 12.50 -12.20
N MET B 80 3.62 12.51 -13.51
CA MET B 80 2.56 12.30 -14.48
C MET B 80 2.64 10.88 -15.00
N LEU B 81 1.53 10.30 -15.42
CA LEU B 81 1.56 8.91 -15.85
C LEU B 81 1.82 8.74 -17.34
N GLU B 82 2.77 7.88 -17.67
CA GLU B 82 3.09 7.45 -19.00
C GLU B 82 2.26 6.24 -19.44
N LYS B 83 1.81 5.40 -18.51
CA LYS B 83 1.03 4.23 -18.90
C LYS B 83 0.59 3.40 -17.69
N ILE B 84 -0.71 3.16 -17.63
CA ILE B 84 -1.35 2.30 -16.68
C ILE B 84 -1.48 0.87 -17.21
N TYR B 85 -1.08 -0.13 -16.44
CA TYR B 85 -1.25 -1.54 -16.73
C TYR B 85 -2.13 -2.21 -15.66
N ILE B 86 -3.23 -2.83 -16.06
CA ILE B 86 -4.06 -3.57 -15.10
C ILE B 86 -3.98 -5.07 -15.37
N HIS B 87 -3.92 -5.93 -14.36
CA HIS B 87 -3.87 -7.37 -14.49
C HIS B 87 -4.94 -7.86 -15.47
N PRO B 88 -4.59 -8.66 -16.46
CA PRO B 88 -5.61 -9.12 -17.41
C PRO B 88 -6.68 -9.99 -16.75
N ARG B 89 -6.52 -10.50 -15.54
CA ARG B 89 -7.56 -11.36 -15.00
C ARG B 89 -8.08 -10.78 -13.69
N TYR B 90 -7.98 -9.45 -13.59
CA TYR B 90 -8.60 -8.79 -12.44
C TYR B 90 -10.12 -8.98 -12.43
N ASN B 91 -10.67 -9.62 -11.42
CA ASN B 91 -12.09 -9.94 -11.26
C ASN B 91 -12.87 -8.89 -10.51
N TRP B 92 -13.21 -7.79 -11.17
CA TRP B 92 -13.99 -6.78 -10.47
C TRP B 92 -15.45 -7.24 -10.36
N ARG B 93 -15.81 -8.26 -11.14
CA ARG B 93 -17.20 -8.71 -11.14
C ARG B 93 -17.63 -9.39 -9.86
N GLU B 94 -16.81 -10.33 -9.37
CA GLU B 94 -17.24 -11.10 -8.23
C GLU B 94 -16.50 -10.75 -6.93
N ASN B 95 -15.17 -10.80 -6.92
CA ASN B 95 -14.52 -10.63 -5.61
C ASN B 95 -13.24 -9.83 -5.58
N LEU B 96 -12.84 -9.12 -6.63
CA LEU B 96 -11.57 -8.37 -6.66
C LEU B 96 -10.35 -9.27 -6.69
N ASP B 97 -10.53 -10.50 -7.17
CA ASP B 97 -9.37 -11.38 -7.38
C ASP B 97 -8.32 -10.69 -8.24
N ARG B 98 -7.04 -10.82 -7.91
CA ARG B 98 -5.94 -10.22 -8.66
C ARG B 98 -6.09 -8.70 -8.73
N ASP B 99 -6.31 -8.09 -7.57
CA ASP B 99 -6.55 -6.65 -7.50
C ASP B 99 -5.22 -5.90 -7.54
N ILE B 100 -4.64 -5.69 -8.71
CA ILE B 100 -3.29 -5.15 -8.78
C ILE B 100 -3.11 -4.38 -10.08
N ALA B 101 -2.37 -3.27 -10.07
CA ALA B 101 -2.12 -2.53 -11.31
C ALA B 101 -0.75 -1.89 -11.19
N LEU B 102 -0.01 -1.73 -12.28
CA LEU B 102 1.20 -0.93 -12.30
C LEU B 102 0.95 0.39 -13.03
N MET B 103 1.65 1.43 -12.58
CA MET B 103 1.70 2.74 -13.23
C MET B 103 3.15 3.11 -13.55
N LYS B 104 3.46 3.28 -14.82
CA LYS B 104 4.75 3.76 -15.29
C LYS B 104 4.78 5.29 -15.38
N LEU B 105 5.86 5.89 -14.87
CA LEU B 105 5.94 7.35 -14.76
C LEU B 105 6.60 7.94 -16.03
N LYS B 106 6.13 9.14 -16.34
CA LYS B 106 6.67 9.91 -17.47
C LYS B 106 8.16 10.12 -17.28
N LYS B 107 8.57 10.63 -16.13
CA LYS B 107 9.99 10.78 -15.84
C LYS B 107 10.39 10.12 -14.53
N PRO B 108 11.64 9.70 -14.36
CA PRO B 108 12.06 9.11 -13.09
C PRO B 108 11.96 10.12 -11.96
N VAL B 109 11.50 9.69 -10.79
CA VAL B 109 11.52 10.56 -9.63
C VAL B 109 12.89 10.53 -8.96
N ALA B 110 13.27 11.61 -8.29
CA ALA B 110 14.59 11.58 -7.65
C ALA B 110 14.47 11.09 -6.20
N PHE B 111 15.32 10.14 -5.82
CA PHE B 111 15.34 9.58 -4.47
C PHE B 111 15.92 10.64 -3.53
N SER B 112 15.56 10.57 -2.27
CA SER B 112 15.84 11.57 -1.26
C SER B 112 15.63 10.94 0.10
N ASP B 113 15.75 11.69 1.19
CA ASP B 113 15.42 11.13 2.48
C ASP B 113 13.96 10.74 2.58
N TYR B 114 13.11 11.24 1.68
CA TYR B 114 11.67 11.08 1.87
C TYR B 114 11.06 10.19 0.79
N ILE B 115 11.91 9.86 -0.17
CA ILE B 115 11.54 9.11 -1.35
C ILE B 115 12.50 7.97 -1.63
N HIS B 116 11.95 6.75 -1.54
CA HIS B 116 12.80 5.57 -1.71
C HIS B 116 11.92 4.34 -1.94
N PRO B 117 12.33 3.44 -2.81
CA PRO B 117 11.48 2.30 -3.14
C PRO B 117 11.54 1.16 -2.13
N VAL B 118 10.41 0.47 -2.01
CA VAL B 118 10.32 -0.69 -1.14
C VAL B 118 10.74 -1.93 -1.93
N CYS B 119 11.14 -3.03 -1.31
CA CYS B 119 11.40 -4.25 -2.07
C CYS B 119 10.16 -5.11 -2.33
N LEU B 120 10.26 -5.91 -3.38
CA LEU B 120 9.23 -6.91 -3.71
C LEU B 120 9.76 -8.29 -3.33
N PRO B 121 8.94 -9.14 -2.72
CA PRO B 121 9.45 -10.40 -2.17
C PRO B 121 9.83 -11.42 -3.24
N ASP B 122 10.84 -12.20 -2.92
CA ASP B 122 11.26 -13.45 -3.54
C ASP B 122 10.47 -14.58 -2.92
N ARG B 123 10.41 -15.76 -3.54
CA ARG B 123 9.64 -16.84 -2.93
C ARG B 123 10.10 -17.18 -1.51
N GLU B 124 11.38 -17.06 -1.15
CA GLU B 124 11.83 -17.51 0.18
C GLU B 124 11.41 -16.51 1.25
N THR B 125 11.53 -15.20 0.97
CA THR B 125 11.00 -14.23 1.94
C THR B 125 9.50 -14.40 2.17
N ALA B 126 8.76 -14.53 1.06
CA ALA B 126 7.32 -14.81 1.15
C ALA B 126 7.02 -16.01 2.02
N ALA B 127 7.73 -17.11 1.76
CA ALA B 127 7.39 -18.32 2.54
C ALA B 127 7.71 -18.14 4.00
N SER B 128 8.83 -17.45 4.23
CA SER B 128 9.18 -17.26 5.64
C SER B 128 8.28 -16.29 6.36
N LEU B 129 7.78 -15.24 5.70
CA LEU B 129 7.09 -14.21 6.46
C LEU B 129 5.58 -14.28 6.39
N LEU B 130 5.01 -14.88 5.35
CA LEU B 130 3.54 -14.89 5.28
C LEU B 130 2.95 -15.98 6.16
N GLN B 131 2.98 -15.76 7.48
CA GLN B 131 2.46 -16.75 8.41
C GLN B 131 1.48 -16.14 9.40
N ALA B 132 0.47 -16.93 9.75
CA ALA B 132 -0.57 -16.43 10.65
C ALA B 132 0.06 -15.94 11.93
N GLY B 133 -0.29 -14.78 12.48
CA GLY B 133 0.41 -14.31 13.67
C GLY B 133 1.54 -13.34 13.37
N TYR B 134 2.22 -13.48 12.24
CA TYR B 134 3.27 -12.47 11.92
C TYR B 134 2.66 -11.10 11.65
N LYS B 135 3.23 -10.01 12.14
CA LYS B 135 2.60 -8.72 11.83
C LYS B 135 3.21 -8.01 10.63
N GLY B 136 2.39 -7.26 9.90
CA GLY B 136 2.85 -6.36 8.85
C GLY B 136 2.36 -4.95 9.22
N ARG B 137 2.66 -3.96 8.39
CA ARG B 137 2.35 -2.56 8.65
C ARG B 137 1.53 -1.97 7.52
N VAL B 138 0.43 -1.25 7.74
CA VAL B 138 -0.25 -0.69 6.56
C VAL B 138 -0.28 0.83 6.75
N THR B 139 -0.17 1.60 5.68
CA THR B 139 -0.07 3.06 5.85
C THR B 139 -1.03 3.75 4.92
N GLY B 140 -1.55 4.93 5.31
CA GLY B 140 -2.34 5.60 4.27
C GLY B 140 -3.02 6.87 4.78
N TRP B 141 -3.65 7.62 3.89
CA TRP B 141 -4.33 8.85 4.21
C TRP B 141 -5.86 8.73 4.13
N GLY B 142 -6.42 7.55 4.39
CA GLY B 142 -7.86 7.41 4.37
C GLY B 142 -8.52 7.69 5.70
N ASN B 143 -9.83 7.44 5.74
CA ASN B 143 -10.66 7.74 6.88
C ASN B 143 -10.11 7.12 8.16
N LEU B 144 -10.35 7.83 9.25
CA LEU B 144 -10.10 7.43 10.63
C LEU B 144 -11.21 6.55 11.20
N LYS B 145 -12.34 6.45 10.53
CA LYS B 145 -13.38 5.50 10.89
C LYS B 145 -14.44 5.43 9.78
N GLU B 146 -15.38 4.52 9.96
CA GLU B 146 -16.50 4.29 9.05
C GLU B 146 -17.40 5.52 8.97
N GLN B 156 -10.93 12.23 8.06
CA GLN B 156 -9.65 12.24 7.35
C GLN B 156 -8.54 12.81 8.23
N PRO B 157 -7.34 12.26 8.16
CA PRO B 157 -6.25 12.62 9.08
C PRO B 157 -5.48 13.83 8.63
N SER B 158 -4.79 14.51 9.57
CA SER B 158 -3.91 15.57 9.07
C SER B 158 -2.66 15.02 8.43
N VAL B 159 -2.10 13.90 8.92
CA VAL B 159 -0.90 13.39 8.22
C VAL B 159 -0.98 11.87 8.00
N LEU B 160 -0.06 11.32 7.22
CA LEU B 160 0.04 9.88 7.02
C LEU B 160 -0.15 9.09 8.31
N GLN B 161 -0.97 8.06 8.26
CA GLN B 161 -1.24 7.21 9.42
C GLN B 161 -0.63 5.82 9.23
N VAL B 162 -0.30 5.14 10.32
CA VAL B 162 0.33 3.83 10.29
C VAL B 162 -0.34 2.91 11.30
N VAL B 163 -0.46 1.63 11.00
CA VAL B 163 -0.97 0.65 11.96
C VAL B 163 -0.32 -0.71 11.69
N ASN B 164 0.09 -1.44 12.71
CA ASN B 164 0.68 -2.76 12.59
C ASN B 164 -0.38 -3.84 12.80
N LEU B 165 -0.48 -4.83 11.93
CA LEU B 165 -1.57 -5.80 12.02
C LEU B 165 -1.10 -7.21 11.69
N PRO B 166 -1.59 -8.18 12.46
CA PRO B 166 -1.17 -9.56 12.26
C PRO B 166 -1.96 -10.25 11.16
N ILE B 167 -1.27 -11.06 10.37
CA ILE B 167 -1.84 -11.91 9.35
C ILE B 167 -2.73 -12.95 10.03
N VAL B 168 -3.86 -13.28 9.44
CA VAL B 168 -4.88 -14.15 10.01
C VAL B 168 -4.92 -15.47 9.26
N GLU B 169 -5.12 -16.54 10.01
CA GLU B 169 -5.24 -17.90 9.45
C GLU B 169 -6.32 -17.93 8.38
N ARG B 170 -6.06 -18.62 7.28
CA ARG B 170 -6.98 -18.63 6.15
C ARG B 170 -8.37 -19.16 6.50
N PRO B 171 -8.57 -20.21 7.29
CA PRO B 171 -9.93 -20.60 7.71
C PRO B 171 -10.65 -19.50 8.46
N VAL B 172 -9.92 -18.68 9.22
CA VAL B 172 -10.64 -17.62 9.92
C VAL B 172 -11.04 -16.54 8.92
N CYS B 173 -10.18 -16.24 7.94
CA CYS B 173 -10.49 -15.26 6.89
C CYS B 173 -11.79 -15.66 6.18
N LYS B 174 -11.82 -16.90 5.73
CA LYS B 174 -12.95 -17.46 4.99
C LYS B 174 -14.27 -17.37 5.78
N ASP B 175 -14.24 -17.77 7.05
CA ASP B 175 -15.40 -17.84 7.92
C ASP B 175 -15.90 -16.47 8.35
N SER B 176 -15.14 -15.42 8.00
CA SER B 176 -15.56 -14.09 8.45
C SER B 176 -16.41 -13.37 7.41
N THR B 177 -16.60 -14.00 6.26
CA THR B 177 -17.23 -13.33 5.14
C THR B 177 -18.01 -14.29 4.24
N ARG B 178 -19.00 -13.70 3.55
CA ARG B 178 -19.70 -14.47 2.53
C ARG B 178 -18.97 -14.41 1.19
N ILE B 179 -17.97 -13.55 1.00
CA ILE B 179 -17.28 -13.49 -0.30
C ILE B 179 -16.38 -14.69 -0.53
N ARG B 180 -16.21 -15.09 -1.78
CA ARG B 180 -15.35 -16.22 -2.10
C ARG B 180 -13.87 -15.78 -2.09
N ILE B 181 -13.11 -16.20 -1.10
CA ILE B 181 -11.69 -15.81 -0.98
C ILE B 181 -10.74 -16.63 -1.81
N THR B 182 -9.76 -16.08 -2.53
CA THR B 182 -8.82 -16.83 -3.36
C THR B 182 -7.42 -16.89 -2.76
N ASP B 183 -6.55 -17.69 -3.38
CA ASP B 183 -5.15 -17.81 -3.02
C ASP B 183 -4.41 -16.53 -3.40
N ASN B 184 -5.05 -15.63 -4.16
CA ASN B 184 -4.37 -14.37 -4.49
C ASN B 184 -4.68 -13.31 -3.45
N MET B 185 -5.24 -13.72 -2.30
CA MET B 185 -5.53 -12.75 -1.25
C MET B 185 -5.08 -13.33 0.08
N PHE B 186 -4.83 -12.45 1.04
CA PHE B 186 -4.70 -12.87 2.44
C PHE B 186 -5.45 -11.87 3.31
N CYS B 187 -5.78 -12.14 4.57
CA CYS B 187 -6.45 -11.12 5.38
C CYS B 187 -5.59 -10.82 6.62
N ALA B 188 -5.80 -9.66 7.23
CA ALA B 188 -5.02 -9.26 8.41
C ALA B 188 -5.84 -8.44 9.41
N GLY B 189 -5.50 -8.43 10.70
CA GLY B 189 -6.27 -7.72 11.71
C GLY B 189 -6.36 -8.49 13.02
N TYR B 190 -6.67 -7.83 14.12
CA TYR B 190 -6.91 -8.52 15.38
C TYR B 190 -8.29 -9.15 15.43
N LYS B 191 -8.39 -10.24 16.18
CA LYS B 191 -9.66 -10.83 16.56
C LYS B 191 -10.30 -10.07 17.71
N PRO B 192 -11.58 -10.26 17.98
CA PRO B 192 -12.23 -9.55 19.10
C PRO B 192 -11.56 -9.90 20.42
N ASP B 193 -11.19 -11.18 20.51
CA ASP B 193 -10.56 -11.79 21.65
C ASP B 193 -9.21 -11.21 22.03
N GLU B 194 -8.69 -10.24 21.27
CA GLU B 194 -7.28 -9.88 21.34
C GLU B 194 -7.04 -8.55 22.01
N GLY B 195 -8.06 -7.73 22.20
CA GLY B 195 -7.87 -6.43 22.82
C GLY B 195 -7.59 -5.35 21.80
N LYS B 196 -6.42 -5.41 21.17
CA LYS B 196 -5.97 -4.46 20.16
C LYS B 196 -6.86 -4.44 18.93
N ARG B 197 -6.96 -3.30 18.22
CA ARG B 197 -7.74 -3.30 16.98
C ARG B 197 -7.03 -2.48 15.91
N GLY B 198 -7.72 -2.06 14.85
CA GLY B 198 -7.15 -1.25 13.81
C GLY B 198 -7.39 -1.81 12.42
N ASP B 199 -7.36 -0.96 11.39
CA ASP B 199 -7.72 -1.48 10.07
C ASP B 199 -7.44 -0.38 9.05
N ALA B 200 -7.40 -0.75 7.79
CA ALA B 200 -7.47 0.16 6.67
C ALA B 200 -8.90 0.64 6.50
N CYS B 201 -9.08 1.73 5.78
CA CYS B 201 -10.45 2.21 5.51
C CYS B 201 -10.48 2.96 4.19
N GLU B 202 -11.63 3.52 3.83
CA GLU B 202 -11.82 4.25 2.60
C GLU B 202 -10.70 5.28 2.40
N GLY B 203 -10.04 5.23 1.26
CA GLY B 203 -8.96 6.06 0.82
C GLY B 203 -7.57 5.42 1.03
N ASP B 204 -7.52 4.31 1.76
CA ASP B 204 -6.29 3.55 2.00
C ASP B 204 -5.99 2.54 0.90
N SER B 205 -7.02 2.13 0.16
CA SER B 205 -6.93 1.21 -0.97
C SER B 205 -5.72 1.49 -1.84
N GLY B 206 -5.09 0.44 -2.34
CA GLY B 206 -3.94 0.63 -3.22
C GLY B 206 -2.64 0.81 -2.43
N GLY B 207 -2.66 1.20 -1.17
CA GLY B 207 -1.45 1.31 -0.36
C GLY B 207 -0.81 -0.02 0.02
N PRO B 208 0.43 0.02 0.56
CA PRO B 208 1.20 -1.20 0.83
C PRO B 208 0.99 -1.83 2.19
N PHE B 209 1.03 -3.17 2.24
CA PHE B 209 1.14 -3.92 3.47
C PHE B 209 2.61 -4.34 3.55
N VAL B 210 3.46 -3.86 4.47
CA VAL B 210 4.89 -4.23 4.37
C VAL B 210 5.34 -5.02 5.58
N MET B 211 6.44 -5.75 5.41
CA MET B 211 7.02 -6.49 6.53
C MET B 211 8.51 -6.25 6.57
N LYS B 212 9.16 -6.21 7.72
CA LYS B 212 10.61 -6.03 7.69
C LYS B 212 11.31 -7.38 7.84
N SER B 213 12.04 -7.82 6.82
CA SER B 213 12.72 -9.11 6.92
C SER B 213 13.76 -9.09 8.05
N PRO B 214 13.69 -10.08 8.93
CA PRO B 214 14.68 -10.25 10.00
C PRO B 214 15.97 -10.87 9.51
N PHE B 215 15.95 -11.31 8.26
CA PHE B 215 17.08 -11.94 7.59
C PHE B 215 18.03 -10.91 7.01
N ASN B 216 17.50 -9.86 6.37
CA ASN B 216 18.42 -8.86 5.82
C ASN B 216 18.09 -7.42 6.23
N ASN B 217 17.15 -7.25 7.13
CA ASN B 217 16.70 -5.96 7.62
C ASN B 217 16.14 -5.01 6.57
N ARG B 218 15.62 -5.51 5.47
CA ARG B 218 14.96 -4.69 4.47
C ARG B 218 13.44 -4.85 4.50
N TRP B 219 12.74 -3.80 4.11
CA TRP B 219 11.27 -3.79 4.07
C TRP B 219 10.80 -4.37 2.73
N TYR B 220 9.86 -5.31 2.82
CA TYR B 220 9.24 -5.93 1.67
C TYR B 220 7.74 -5.65 1.59
N GLN B 221 7.23 -5.39 0.39
CA GLN B 221 5.78 -5.22 0.24
C GLN B 221 5.12 -6.57 -0.02
N MET B 222 4.45 -7.15 0.97
CA MET B 222 3.77 -8.45 0.82
C MET B 222 2.33 -8.28 0.36
N GLY B 223 1.67 -7.15 0.59
CA GLY B 223 0.25 -7.02 0.21
C GLY B 223 -0.06 -5.64 -0.31
N ILE B 224 -1.25 -5.55 -0.93
CA ILE B 224 -1.85 -4.30 -1.38
C ILE B 224 -3.24 -4.18 -0.77
N VAL B 225 -3.52 -3.04 -0.15
CA VAL B 225 -4.83 -2.83 0.49
C VAL B 225 -5.90 -3.05 -0.56
N SER B 226 -6.81 -4.00 -0.33
CA SER B 226 -7.73 -4.30 -1.43
C SER B 226 -9.20 -4.15 -1.06
N TRP B 227 -9.71 -4.82 -0.02
CA TRP B 227 -11.11 -4.64 0.36
C TRP B 227 -11.39 -5.09 1.79
N GLY B 228 -12.55 -4.60 2.24
CA GLY B 228 -13.07 -4.98 3.54
C GLY B 228 -14.56 -4.63 3.58
N GLU B 229 -15.25 -5.20 4.55
CA GLU B 229 -16.69 -4.89 4.71
C GLU B 229 -16.83 -3.98 5.92
N GLY B 230 -17.05 -2.67 5.68
CA GLY B 230 -16.97 -1.80 6.88
C GLY B 230 -15.51 -1.52 7.17
N CYS B 231 -15.17 -0.88 8.28
CA CYS B 231 -13.78 -0.67 8.65
C CYS B 231 -13.60 -0.96 10.14
N ASP B 232 -12.70 -1.86 10.49
CA ASP B 232 -12.45 -2.09 11.91
C ASP B 232 -13.69 -2.62 12.62
N ARG B 233 -14.55 -3.35 11.93
CA ARG B 233 -15.64 -4.03 12.64
C ARG B 233 -15.13 -5.27 13.37
N ASP B 234 -15.71 -5.56 14.54
CA ASP B 234 -15.31 -6.77 15.26
C ASP B 234 -15.70 -7.98 14.41
N GLY B 235 -14.84 -8.98 14.47
CA GLY B 235 -15.00 -10.20 13.73
C GLY B 235 -14.86 -10.11 12.24
N LYS B 236 -14.51 -8.95 11.67
CA LYS B 236 -14.22 -8.83 10.24
C LYS B 236 -12.75 -8.46 10.02
N TYR B 237 -12.21 -8.66 8.82
CA TYR B 237 -10.77 -8.50 8.58
C TYR B 237 -10.46 -7.77 7.28
N GLY B 238 -9.29 -7.14 7.18
CA GLY B 238 -9.01 -6.48 5.90
C GLY B 238 -8.41 -7.49 4.93
N PHE B 239 -8.68 -7.33 3.64
CA PHE B 239 -8.19 -8.25 2.62
C PHE B 239 -7.18 -7.49 1.76
N TYR B 240 -6.11 -8.19 1.41
CA TYR B 240 -4.93 -7.71 0.74
C TYR B 240 -4.58 -8.56 -0.46
N THR B 241 -4.25 -7.90 -1.57
CA THR B 241 -3.70 -8.64 -2.70
C THR B 241 -2.35 -9.26 -2.33
N HIS B 242 -2.16 -10.53 -2.65
CA HIS B 242 -0.91 -11.26 -2.37
C HIS B 242 0.13 -11.02 -3.42
N VAL B 243 1.06 -10.09 -3.11
CA VAL B 243 1.93 -9.58 -4.17
C VAL B 243 2.79 -10.69 -4.73
N PHE B 244 3.37 -11.53 -3.88
CA PHE B 244 4.27 -12.56 -4.38
C PHE B 244 3.55 -13.47 -5.37
N ARG B 245 2.24 -13.67 -5.16
CA ARG B 245 1.55 -14.62 -6.03
C ARG B 245 1.36 -14.07 -7.43
N LEU B 246 1.44 -12.75 -7.64
CA LEU B 246 1.26 -12.17 -8.97
C LEU B 246 2.56 -11.58 -9.51
N LYS B 247 3.71 -12.00 -8.98
CA LYS B 247 4.96 -11.34 -9.36
C LYS B 247 5.40 -11.63 -10.79
N LYS B 248 5.03 -12.80 -11.30
CA LYS B 248 5.35 -13.14 -12.68
C LYS B 248 4.80 -12.07 -13.60
N TRP B 249 3.54 -11.68 -13.38
CA TRP B 249 2.93 -10.61 -14.14
C TRP B 249 3.61 -9.26 -13.90
N ILE B 250 4.08 -9.01 -12.68
CA ILE B 250 4.74 -7.73 -12.43
C ILE B 250 6.02 -7.68 -13.25
N GLN B 251 6.78 -8.75 -13.14
CA GLN B 251 8.07 -8.92 -13.79
C GLN B 251 7.95 -8.77 -15.30
N LYS B 252 7.00 -9.56 -15.79
CA LYS B 252 6.61 -9.57 -17.18
C LYS B 252 6.38 -8.12 -17.62
N VAL B 253 5.43 -7.47 -16.96
CA VAL B 253 5.09 -6.10 -17.36
C VAL B 253 6.31 -5.20 -17.37
N ILE B 254 7.14 -5.30 -16.34
CA ILE B 254 8.25 -4.34 -16.28
C ILE B 254 9.29 -4.69 -17.33
N ASP B 255 9.57 -5.99 -17.54
CA ASP B 255 10.49 -6.42 -18.58
C ASP B 255 10.24 -5.76 -19.93
N GLN B 256 9.12 -6.15 -20.55
CA GLN B 256 8.72 -5.68 -21.86
C GLN B 256 8.54 -4.18 -21.93
N PHE B 257 7.89 -3.60 -20.93
CA PHE B 257 7.60 -2.16 -20.98
C PHE B 257 8.73 -1.34 -20.36
N GLY B 258 9.83 -2.00 -20.00
CA GLY B 258 11.02 -1.34 -19.50
C GLY B 258 10.75 -0.39 -18.36
N ASP C 2 -10.38 20.93 0.22
CA ASP C 2 -9.67 20.69 1.47
C ASP C 2 -8.17 20.54 1.18
N PHE C 3 -7.89 20.45 -0.13
CA PHE C 3 -6.57 20.26 -0.67
C PHE C 3 -5.91 21.56 -1.09
N GLU C 4 -4.78 21.86 -0.45
CA GLU C 4 -3.97 22.98 -0.95
C GLU C 4 -3.71 22.70 -2.43
N GLU C 5 -4.04 23.64 -3.29
CA GLU C 5 -3.96 23.45 -4.74
C GLU C 5 -2.52 23.31 -5.19
N ILE C 6 -2.28 22.48 -6.22
CA ILE C 6 -0.87 22.26 -6.57
C ILE C 6 -0.43 23.34 -7.52
N PRO C 7 0.87 23.51 -7.72
CA PRO C 7 1.35 24.47 -8.72
C PRO C 7 0.68 24.15 -10.06
N GLU C 8 0.45 25.18 -10.85
CA GLU C 8 -0.17 25.09 -12.17
C GLU C 8 0.66 24.16 -13.08
N GLU C 9 1.95 24.20 -12.77
CA GLU C 9 2.94 23.47 -13.56
C GLU C 9 2.48 22.03 -13.76
N TYS C 10 2.17 21.32 -12.68
CA TYS C 10 1.77 19.90 -12.88
CB TYS C 10 1.86 19.12 -11.56
CG TYS C 10 3.19 19.36 -10.87
CD1 TYS C 10 4.40 18.87 -11.42
CD2 TYS C 10 3.20 20.10 -9.67
CE1 TYS C 10 5.60 19.13 -10.74
CE2 TYS C 10 4.40 20.34 -8.98
CZ TYS C 10 5.61 19.86 -9.53
OH TYS C 10 6.79 20.10 -8.88
S TYS C 10 7.17 19.19 -7.70
O1 TYS C 10 7.61 17.79 -8.52
O2 TYS C 10 8.43 19.74 -7.32
O3 TYS C 10 6.09 19.22 -6.74
C TYS C 10 0.38 19.71 -13.47
O TYS C 10 -0.07 18.60 -13.61
C47 91U D . -18.24 -3.81 0.56
O48 91U D . -19.13 -3.56 -0.23
C49 91U D . -18.58 -4.78 1.66
C1 91U D . -16.18 -6.08 -1.66
C6 91U D . -16.44 -5.15 -2.87
C5 91U D . -16.98 -5.99 -4.06
C4 91U D . -16.00 -7.12 -4.42
C3 91U D . -15.56 -7.97 -3.21
C2 91U D . -15.06 -7.08 -2.03
N 91U D . -17.02 -3.23 0.41
C15 91U D . -16.09 -3.71 -0.62
C31 91U D . -15.88 -5.24 -0.37
C14 91U D . -14.78 -2.97 -0.65
O32 91U D . -14.10 -3.05 0.37
N1 91U D . -14.38 -2.27 -1.76
C32 91U D . -13.09 -1.63 -1.83
C7 91U D . -12.71 -0.84 -0.60
O22 91U D . -13.54 -0.17 -0.02
C35 91U D . -13.36 -0.64 -3.01
C34 91U D . -14.34 -1.41 -3.92
C33 91U D . -15.30 -2.06 -2.89
N23 91U D . -11.43 -0.89 -0.14
C24 91U D . -11.11 -0.11 1.06
C25 91U D . -10.84 -0.99 2.28
C26 91U D . -11.66 -0.90 3.42
C27 91U D . -11.44 -1.72 4.53
C28 91U D . -10.34 -2.60 4.54
C29 91U D . -9.54 -2.72 3.40
C30 91U D . -9.75 -1.87 2.29
CL21 91U D . -8.21 -3.86 3.36
NA NA E . -11.94 -6.28 12.53
NA NA F . -17.36 -17.75 4.43
#